data_2C2H
#
_entry.id   2C2H
#
_cell.length_a   110.320
_cell.length_b   110.320
_cell.length_c   81.790
_cell.angle_alpha   90.00
_cell.angle_beta   90.00
_cell.angle_gamma   120.00
#
_symmetry.space_group_name_H-M   'H 3'
#
loop_
_entity.id
_entity.type
_entity.pdbx_description
1 polymer 'RAS-RELATED C3 BOTULINUM TOXIN SUBSTRATE 3'
2 non-polymer "GUANOSINE-5'-DIPHOSPHATE"
3 non-polymer 'CALCIUM ION'
4 non-polymer 'SULFATE ION'
5 non-polymer 'MAGNESIUM ION'
6 water water
#
_entity_poly.entity_id   1
_entity_poly.type   'polypeptide(L)'
_entity_poly.pdbx_seq_one_letter_code
;MQAIKCVVVGDGAVGKTCLLISYTTNAFPGEYIPTVFDNYSANVMVDGKPVNLGLWDTAGQEDYDRLRPLSYPQTDVFLI
CFSLVSPASFENVRAKWYPEVRHHCPHTPILLVGTKLDLRDDKDTIERLRDKKLAPITYPQGLAMAREIGSVKYLECSAL
TQRGLKTVFDEAIRAVLGPPPVKKPGKKCTVF
;
_entity_poly.pdbx_strand_id   A,B
#
loop_
_chem_comp.id
_chem_comp.type
_chem_comp.name
_chem_comp.formula
CA non-polymer 'CALCIUM ION' 'Ca 2'
GDP RNA linking GUANOSINE-5'-DIPHOSPHATE 'C10 H15 N5 O11 P2'
MG non-polymer 'MAGNESIUM ION' 'Mg 2'
SO4 non-polymer 'SULFATE ION' 'O4 S -2'
#
# COMPACT_ATOMS: atom_id res chain seq x y z
N ALA A 3 6.93 17.18 -31.47
CA ALA A 3 7.24 15.90 -30.74
C ALA A 3 6.76 15.96 -29.28
N ILE A 4 6.14 14.88 -28.79
CA ILE A 4 5.75 14.79 -27.40
C ILE A 4 6.34 13.52 -26.78
N LYS A 5 7.04 13.67 -25.67
CA LYS A 5 7.62 12.51 -24.95
C LYS A 5 6.69 12.10 -23.82
N CYS A 6 6.22 10.85 -23.91
CA CYS A 6 5.41 10.23 -22.90
C CYS A 6 6.12 9.02 -22.29
N VAL A 7 6.16 8.94 -20.95
CA VAL A 7 6.81 7.83 -20.23
C VAL A 7 5.76 7.07 -19.41
N VAL A 8 5.78 5.76 -19.52
CA VAL A 8 4.85 4.88 -18.83
C VAL A 8 5.62 4.24 -17.67
N VAL A 9 5.12 4.47 -16.45
CA VAL A 9 5.73 3.84 -15.28
C VAL A 9 4.72 2.98 -14.50
N GLY A 10 5.25 2.12 -13.65
CA GLY A 10 4.39 1.27 -12.83
C GLY A 10 5.05 -0.07 -12.59
N ASP A 11 4.41 -0.82 -11.71
CA ASP A 11 4.91 -2.09 -11.23
C ASP A 11 5.07 -3.06 -12.36
N GLY A 12 6.00 -3.98 -12.19
CA GLY A 12 6.17 -5.06 -13.11
C GLY A 12 4.87 -5.81 -13.33
N ALA A 13 4.63 -6.18 -14.58
CA ALA A 13 3.52 -7.02 -15.01
C ALA A 13 2.14 -6.38 -14.93
N VAL A 14 2.07 -5.06 -14.87
CA VAL A 14 0.76 -4.39 -14.91
C VAL A 14 0.24 -4.27 -16.34
N GLY A 15 1.12 -4.42 -17.31
CA GLY A 15 0.76 -4.40 -18.72
C GLY A 15 1.25 -3.18 -19.49
N LYS A 16 2.39 -2.64 -19.12
CA LYS A 16 2.90 -1.40 -19.70
C LYS A 16 3.39 -1.61 -21.12
N THR A 17 4.17 -2.68 -21.29
CA THR A 17 4.68 -3.04 -22.61
C THR A 17 3.51 -3.38 -23.55
N CYS A 18 2.57 -4.18 -23.09
CA CYS A 18 1.42 -4.53 -23.91
C CYS A 18 0.58 -3.32 -24.28
N LEU A 19 0.38 -2.43 -23.33
CA LEU A 19 -0.31 -1.17 -23.60
C LEU A 19 0.32 -0.40 -24.77
N LEU A 20 1.64 -0.30 -24.74
CA LEU A 20 2.34 0.48 -25.77
C LEU A 20 2.35 -0.19 -27.13
N ILE A 21 2.66 -1.47 -27.15
CA ILE A 21 2.68 -2.23 -28.40
C ILE A 21 1.28 -2.37 -29.01
N SER A 22 0.27 -2.56 -28.16
CA SER A 22 -1.10 -2.66 -28.64
C SER A 22 -1.60 -1.35 -29.26
N TYR A 23 -1.27 -0.23 -28.62
CA TYR A 23 -1.60 1.07 -29.19
C TYR A 23 -0.87 1.38 -30.48
N THR A 24 0.44 1.16 -30.52
CA THR A 24 1.25 1.56 -31.67
C THR A 24 1.17 0.58 -32.86
N THR A 25 1.01 -0.71 -32.58
CA THR A 25 0.93 -1.71 -33.68
C THR A 25 -0.46 -2.26 -33.96
N ASN A 26 -1.40 -1.99 -33.07
CA ASN A 26 -2.70 -2.70 -33.03
C ASN A 26 -2.62 -4.21 -32.94
N ALA A 27 -1.55 -4.71 -32.35
CA ALA A 27 -1.39 -6.12 -32.14
C ALA A 27 -1.03 -6.35 -30.67
N PHE A 28 -1.49 -7.46 -30.11
CA PHE A 28 -1.19 -7.78 -28.72
C PHE A 28 0.03 -8.69 -28.67
N PRO A 29 1.06 -8.35 -27.89
CA PRO A 29 2.27 -9.18 -27.89
C PRO A 29 2.03 -10.63 -27.44
N GLY A 30 2.76 -11.56 -28.06
CA GLY A 30 2.68 -12.98 -27.73
C GLY A 30 3.47 -13.31 -26.47
N ASP A 38 12.57 0.07 -24.14
CA ASP A 38 12.47 0.45 -25.55
C ASP A 38 11.59 1.70 -25.69
N ASN A 39 11.59 2.31 -26.87
CA ASN A 39 10.69 3.43 -27.14
C ASN A 39 10.02 3.33 -28.52
N TYR A 40 8.75 3.77 -28.56
CA TYR A 40 7.83 3.53 -29.64
C TYR A 40 7.34 4.87 -30.20
N SER A 41 6.53 4.79 -31.25
CA SER A 41 6.22 5.95 -32.09
C SER A 41 4.81 5.88 -32.60
N ALA A 42 4.03 6.86 -32.17
CA ALA A 42 2.70 7.05 -32.65
C ALA A 42 2.64 8.44 -33.31
N ASN A 43 1.79 8.53 -34.33
CA ASN A 43 1.42 9.80 -34.91
C ASN A 43 -0.03 10.00 -34.49
N VAL A 44 -0.37 11.20 -34.01
CA VAL A 44 -1.74 11.53 -33.68
C VAL A 44 -2.12 12.79 -34.40
N MET A 45 -3.37 12.87 -34.82
CA MET A 45 -3.91 14.11 -35.36
C MET A 45 -4.44 14.89 -34.18
N VAL A 46 -4.14 16.17 -34.12
CA VAL A 46 -4.68 17.00 -33.06
C VAL A 46 -5.18 18.30 -33.69
N ASP A 47 -6.50 18.42 -33.78
CA ASP A 47 -7.15 19.53 -34.48
C ASP A 47 -6.62 19.69 -35.91
N GLY A 48 -6.52 18.58 -36.64
CA GLY A 48 -6.04 18.62 -38.02
C GLY A 48 -4.55 18.86 -38.20
N LYS A 49 -3.78 18.70 -37.13
CA LYS A 49 -2.33 18.82 -37.18
C LYS A 49 -1.72 17.48 -36.75
N PRO A 50 -0.90 16.87 -37.61
CA PRO A 50 -0.23 15.62 -37.20
C PRO A 50 0.82 15.90 -36.14
N VAL A 51 0.86 15.07 -35.10
CA VAL A 51 1.80 15.28 -33.97
C VAL A 51 2.50 13.96 -33.71
N ASN A 52 3.83 13.97 -33.54
CA ASN A 52 4.54 12.74 -33.15
C ASN A 52 4.59 12.54 -31.66
N LEU A 53 4.22 11.33 -31.26
CA LEU A 53 4.17 10.95 -29.90
C LEU A 53 5.24 9.87 -29.67
N GLY A 54 6.15 10.14 -28.75
CA GLY A 54 7.24 9.24 -28.44
C GLY A 54 6.86 8.59 -27.15
N LEU A 55 6.79 7.26 -27.15
CA LEU A 55 6.34 6.49 -25.98
C LEU A 55 7.51 5.70 -25.44
N TRP A 56 7.85 5.91 -24.15
CA TRP A 56 8.99 5.28 -23.54
C TRP A 56 8.54 4.31 -22.49
N ASP A 57 8.96 3.06 -22.64
CA ASP A 57 8.59 1.97 -21.74
C ASP A 57 9.62 2.02 -20.58
N THR A 58 9.28 1.55 -19.39
CA THR A 58 10.25 1.51 -18.29
C THR A 58 10.17 0.19 -17.58
N ALA A 59 11.27 -0.14 -16.91
CA ALA A 59 11.37 -1.30 -16.05
C ALA A 59 10.90 -0.88 -14.65
N GLY A 60 9.84 -1.51 -14.19
CA GLY A 60 9.26 -1.18 -12.90
C GLY A 60 9.89 -1.86 -11.70
N GLN A 61 10.74 -2.85 -11.94
CA GLN A 61 11.34 -3.70 -10.89
C GLN A 61 12.25 -2.92 -9.98
N GLU A 62 12.41 -3.39 -8.75
CA GLU A 62 13.27 -2.76 -7.74
C GLU A 62 14.71 -2.61 -8.22
N ASP A 63 15.20 -3.57 -8.98
CA ASP A 63 16.61 -3.52 -9.33
C ASP A 63 16.92 -2.51 -10.48
N TYR A 64 15.87 -1.89 -11.02
CA TYR A 64 15.97 -0.73 -11.92
C TYR A 64 15.73 0.60 -11.24
N ASP A 65 15.64 0.61 -9.91
CA ASP A 65 15.28 1.81 -9.18
C ASP A 65 16.26 2.98 -9.36
N ARG A 66 17.57 2.72 -9.50
CA ARG A 66 18.55 3.79 -9.71
C ARG A 66 18.65 4.23 -11.18
N LEU A 67 18.48 3.29 -12.10
CA LEU A 67 18.56 3.56 -13.52
C LEU A 67 17.33 4.16 -14.14
N ARG A 68 16.16 3.77 -13.65
CA ARG A 68 14.92 4.20 -14.28
C ARG A 68 14.74 5.73 -14.39
N PRO A 69 14.99 6.48 -13.30
CA PRO A 69 14.81 7.94 -13.39
C PRO A 69 15.65 8.69 -14.45
N LEU A 70 16.65 8.04 -15.03
CA LEU A 70 17.44 8.66 -16.10
CA LEU A 70 17.44 8.68 -16.09
C LEU A 70 16.62 8.84 -17.38
N SER A 71 15.49 8.16 -17.41
CA SER A 71 14.55 8.26 -18.53
CA SER A 71 14.54 8.25 -18.53
C SER A 71 13.60 9.44 -18.38
N TYR A 72 13.59 10.05 -17.21
CA TYR A 72 12.59 11.08 -16.89
C TYR A 72 12.78 12.48 -17.49
N PRO A 73 14.03 12.97 -17.56
CA PRO A 73 14.29 14.27 -18.19
C PRO A 73 13.64 14.47 -19.56
N GLN A 74 13.10 15.68 -19.79
CA GLN A 74 12.44 16.02 -21.06
C GLN A 74 11.08 15.32 -21.29
N THR A 75 10.57 14.63 -20.29
CA THR A 75 9.23 14.02 -20.39
C THR A 75 8.12 15.08 -20.36
N ASP A 76 7.21 15.00 -21.34
CA ASP A 76 6.06 15.90 -21.39
C ASP A 76 4.84 15.45 -20.62
N VAL A 77 4.70 14.13 -20.45
CA VAL A 77 3.58 13.59 -19.69
C VAL A 77 3.91 12.18 -19.18
N PHE A 78 3.49 11.87 -17.96
CA PHE A 78 3.65 10.50 -17.43
C PHE A 78 2.32 9.77 -17.44
N LEU A 79 2.37 8.46 -17.68
CA LEU A 79 1.26 7.58 -17.38
C LEU A 79 1.74 6.70 -16.23
N ILE A 80 1.09 6.79 -15.08
CA ILE A 80 1.32 5.83 -14.04
C ILE A 80 0.27 4.76 -14.20
N CYS A 81 0.75 3.55 -14.41
CA CYS A 81 -0.07 2.37 -14.70
C CYS A 81 -0.12 1.48 -13.49
N PHE A 82 -1.31 0.97 -13.19
CA PHE A 82 -1.48 -0.16 -12.29
C PHE A 82 -2.53 -1.10 -12.90
N SER A 83 -2.52 -2.37 -12.51
CA SER A 83 -3.52 -3.33 -12.97
C SER A 83 -4.80 -3.31 -12.11
N LEU A 84 -5.95 -3.22 -12.77
CA LEU A 84 -7.22 -3.22 -12.09
C LEU A 84 -7.47 -4.54 -11.33
N VAL A 85 -6.68 -5.56 -11.61
CA VAL A 85 -6.82 -6.84 -10.89
C VAL A 85 -5.59 -7.15 -10.04
N SER A 86 -4.75 -6.15 -9.78
CA SER A 86 -3.70 -6.28 -8.74
C SER A 86 -3.72 -5.16 -7.71
N PRO A 87 -4.51 -5.31 -6.62
CA PRO A 87 -4.54 -4.33 -5.53
C PRO A 87 -3.15 -3.84 -5.02
N ALA A 88 -2.14 -4.71 -5.07
CA ALA A 88 -0.78 -4.29 -4.71
C ALA A 88 -0.20 -3.26 -5.69
N SER A 89 -0.44 -3.47 -6.98
CA SER A 89 0.07 -2.53 -7.96
C SER A 89 -0.60 -1.17 -7.76
N PHE A 90 -1.85 -1.19 -7.31
CA PHE A 90 -2.62 0.02 -7.01
C PHE A 90 -2.06 0.76 -5.77
N GLU A 91 -1.87 0.03 -4.69
CA GLU A 91 -1.25 0.60 -3.48
C GLU A 91 0.10 1.25 -3.76
N ASN A 92 0.88 0.67 -4.67
CA ASN A 92 2.20 1.19 -5.02
C ASN A 92 2.17 2.50 -5.78
N VAL A 93 1.01 2.82 -6.37
CA VAL A 93 0.84 4.14 -6.99
C VAL A 93 1.10 5.22 -5.94
N ARG A 94 0.45 5.04 -4.80
CA ARG A 94 0.61 5.92 -3.65
C ARG A 94 1.96 5.74 -2.95
N ALA A 95 2.45 4.50 -2.81
CA ALA A 95 3.60 4.24 -1.95
C ALA A 95 4.93 4.44 -2.66
N LYS A 96 4.92 4.33 -3.99
CA LYS A 96 6.14 4.31 -4.79
C LYS A 96 6.09 5.29 -5.93
N TRP A 97 5.12 5.10 -6.83
CA TRP A 97 5.19 5.73 -8.15
C TRP A 97 4.98 7.24 -8.12
N TYR A 98 3.91 7.67 -7.48
CA TYR A 98 3.61 9.06 -7.47
C TYR A 98 4.71 9.83 -6.74
N PRO A 99 5.13 9.38 -5.55
CA PRO A 99 6.30 10.02 -4.86
C PRO A 99 7.62 10.09 -5.62
N GLU A 100 7.92 9.10 -6.44
CA GLU A 100 9.14 9.12 -7.23
C GLU A 100 9.00 10.11 -8.39
N VAL A 101 7.99 9.89 -9.22
CA VAL A 101 7.80 10.70 -10.42
C VAL A 101 7.63 12.18 -10.04
N ARG A 102 6.78 12.46 -9.06
CA ARG A 102 6.46 13.83 -8.72
C ARG A 102 7.65 14.56 -8.08
N HIS A 103 8.44 13.86 -7.28
CA HIS A 103 9.63 14.47 -6.74
C HIS A 103 10.67 14.79 -7.84
N HIS A 104 10.88 13.81 -8.73
CA HIS A 104 11.84 13.98 -9.81
C HIS A 104 11.37 14.96 -10.89
N CYS A 105 10.05 15.02 -11.07
CA CYS A 105 9.43 15.82 -12.12
C CYS A 105 8.28 16.62 -11.52
N PRO A 106 8.63 17.75 -10.86
CA PRO A 106 7.65 18.44 -10.02
C PRO A 106 6.48 19.08 -10.74
N HIS A 107 6.56 19.28 -12.06
CA HIS A 107 5.45 19.98 -12.77
C HIS A 107 4.80 19.19 -13.92
N THR A 108 5.40 18.07 -14.30
CA THR A 108 4.93 17.28 -15.42
C THR A 108 3.52 16.70 -15.12
N PRO A 109 2.58 16.84 -16.08
CA PRO A 109 1.27 16.22 -15.89
C PRO A 109 1.39 14.71 -15.75
N ILE A 110 0.56 14.14 -14.88
CA ILE A 110 0.50 12.71 -14.64
C ILE A 110 -0.92 12.24 -14.87
N LEU A 111 -1.06 11.19 -15.67
CA LEU A 111 -2.33 10.49 -15.84
C LEU A 111 -2.27 9.18 -15.09
N LEU A 112 -3.37 8.79 -14.44
CA LEU A 112 -3.44 7.48 -13.80
C LEU A 112 -4.27 6.53 -14.66
N VAL A 113 -3.68 5.40 -15.02
CA VAL A 113 -4.28 4.45 -15.93
C VAL A 113 -4.40 3.07 -15.27
N GLY A 114 -5.64 2.59 -15.18
CA GLY A 114 -5.90 1.22 -14.74
C GLY A 114 -5.89 0.32 -15.94
N THR A 115 -5.10 -0.73 -15.87
CA THR A 115 -4.91 -1.68 -16.96
C THR A 115 -5.67 -2.97 -16.75
N LYS A 116 -5.80 -3.76 -17.83
CA LYS A 116 -6.38 -5.09 -17.77
C LYS A 116 -7.86 -5.00 -17.42
N LEU A 117 -8.52 -4.00 -17.99
CA LEU A 117 -9.95 -3.76 -17.75
C LEU A 117 -10.79 -5.00 -18.07
N ASP A 118 -10.34 -5.75 -19.07
CA ASP A 118 -11.02 -6.98 -19.45
C ASP A 118 -11.10 -8.06 -18.35
N LEU A 119 -10.23 -8.02 -17.35
CA LEU A 119 -10.18 -9.06 -16.32
C LEU A 119 -11.04 -8.69 -15.11
N ARG A 120 -11.51 -7.46 -15.04
CA ARG A 120 -12.19 -7.00 -13.85
C ARG A 120 -13.50 -7.76 -13.58
N ASP A 121 -14.20 -8.10 -14.66
CA ASP A 121 -15.39 -8.95 -14.55
C ASP A 121 -15.15 -10.45 -14.88
N ASP A 122 -13.90 -10.90 -14.96
CA ASP A 122 -13.57 -12.31 -15.19
C ASP A 122 -13.77 -13.15 -13.92
N LYS A 123 -14.60 -14.19 -14.01
CA LYS A 123 -15.00 -14.97 -12.86
C LYS A 123 -13.82 -15.59 -12.11
N ASP A 124 -12.87 -16.17 -12.84
CA ASP A 124 -11.71 -16.84 -12.23
C ASP A 124 -10.70 -15.87 -11.62
N THR A 125 -10.43 -14.76 -12.31
CA THR A 125 -9.61 -13.68 -11.72
C THR A 125 -10.21 -13.23 -10.38
N ILE A 126 -11.53 -13.00 -10.37
CA ILE A 126 -12.26 -12.59 -9.15
C ILE A 126 -12.15 -13.61 -8.04
N GLU A 127 -12.35 -14.88 -8.39
CA GLU A 127 -12.27 -15.97 -7.42
C GLU A 127 -10.88 -16.16 -6.87
N ARG A 128 -9.86 -16.01 -7.72
CA ARG A 128 -8.46 -16.15 -7.26
C ARG A 128 -8.13 -15.01 -6.32
N LEU A 129 -8.61 -13.83 -6.66
CA LEU A 129 -8.45 -12.67 -5.81
C LEU A 129 -9.18 -12.86 -4.48
N ARG A 130 -10.42 -13.39 -4.54
CA ARG A 130 -11.24 -13.55 -3.34
C ARG A 130 -10.57 -14.50 -2.34
N ASP A 131 -9.82 -15.46 -2.86
CA ASP A 131 -9.03 -16.37 -2.04
C ASP A 131 -8.09 -15.65 -1.06
N LYS A 132 -7.55 -14.49 -1.45
CA LYS A 132 -6.63 -13.75 -0.61
C LYS A 132 -7.29 -12.50 -0.02
N LYS A 133 -8.61 -12.55 0.14
CA LYS A 133 -9.41 -11.43 0.64
C LYS A 133 -9.25 -10.16 -0.21
N LEU A 134 -9.06 -10.34 -1.52
CA LEU A 134 -8.82 -9.19 -2.39
C LEU A 134 -9.92 -9.06 -3.42
N ALA A 135 -9.94 -7.94 -4.14
CA ALA A 135 -10.97 -7.70 -5.13
C ALA A 135 -10.45 -6.75 -6.17
N PRO A 136 -10.98 -6.84 -7.41
CA PRO A 136 -10.48 -5.90 -8.42
C PRO A 136 -10.70 -4.44 -7.99
N ILE A 137 -9.91 -3.52 -8.53
CA ILE A 137 -10.07 -2.12 -8.18
C ILE A 137 -11.25 -1.60 -8.96
N THR A 138 -12.14 -0.85 -8.28
CA THR A 138 -13.31 -0.29 -8.92
C THR A 138 -13.00 1.09 -9.48
N TYR A 139 -13.87 1.57 -10.39
CA TYR A 139 -13.69 2.92 -10.94
C TYR A 139 -13.61 4.00 -9.85
N PRO A 140 -14.57 3.98 -8.89
CA PRO A 140 -14.50 4.94 -7.77
C PRO A 140 -13.18 4.91 -7.00
N GLN A 141 -12.65 3.72 -6.81
CA GLN A 141 -11.36 3.60 -6.13
C GLN A 141 -10.23 4.24 -6.89
N GLY A 142 -10.16 3.95 -8.18
CA GLY A 142 -9.15 4.54 -9.05
C GLY A 142 -9.28 6.06 -9.13
N LEU A 143 -10.51 6.55 -9.24
CA LEU A 143 -10.75 7.98 -9.33
C LEU A 143 -10.27 8.69 -8.05
N ALA A 144 -10.56 8.11 -6.89
CA ALA A 144 -10.07 8.63 -5.62
C ALA A 144 -8.55 8.67 -5.55
N MET A 145 -7.88 7.61 -6.02
CA MET A 145 -6.41 7.61 -6.09
C MET A 145 -5.91 8.75 -6.98
N ALA A 146 -6.50 8.86 -8.17
CA ALA A 146 -6.15 9.92 -9.10
C ALA A 146 -6.27 11.34 -8.54
N ARG A 147 -7.32 11.61 -7.78
CA ARG A 147 -7.53 12.93 -7.17
C ARG A 147 -6.54 13.17 -6.04
N GLU A 148 -6.30 12.14 -5.26
CA GLU A 148 -5.31 12.17 -4.20
C GLU A 148 -3.91 12.50 -4.67
N ILE A 149 -3.47 11.92 -5.78
CA ILE A 149 -2.14 12.21 -6.28
C ILE A 149 -2.11 13.40 -7.26
N GLY A 150 -3.25 14.04 -7.48
CA GLY A 150 -3.33 15.22 -8.33
C GLY A 150 -3.17 14.92 -9.83
N SER A 151 -3.57 13.73 -10.23
CA SER A 151 -3.52 13.31 -11.62
C SER A 151 -4.45 14.19 -12.47
N VAL A 152 -4.07 14.46 -13.71
CA VAL A 152 -4.89 15.23 -14.65
CA VAL A 152 -4.93 15.26 -14.58
C VAL A 152 -6.16 14.47 -15.03
N LYS A 153 -6.05 13.15 -15.05
CA LYS A 153 -7.14 12.30 -15.49
C LYS A 153 -6.93 10.85 -15.01
N TYR A 154 -8.05 10.19 -14.72
CA TYR A 154 -8.12 8.77 -14.44
C TYR A 154 -8.76 8.08 -15.61
N LEU A 155 -8.10 7.04 -16.13
CA LEU A 155 -8.62 6.33 -17.28
C LEU A 155 -8.40 4.85 -17.07
N GLU A 156 -9.34 4.05 -17.56
CA GLU A 156 -9.21 2.60 -17.53
C GLU A 156 -9.12 2.06 -18.97
N CYS A 157 -8.35 1.00 -19.14
CA CYS A 157 -8.20 0.41 -20.46
C CYS A 157 -7.83 -1.05 -20.43
N SER A 158 -7.92 -1.64 -21.63
CA SER A 158 -7.52 -3.00 -21.88
C SER A 158 -6.69 -2.96 -23.12
N ALA A 159 -5.42 -3.23 -22.96
CA ALA A 159 -4.53 -3.41 -24.08
C ALA A 159 -5.02 -4.60 -24.95
N LEU A 160 -5.63 -5.61 -24.31
CA LEU A 160 -5.98 -6.83 -25.00
C LEU A 160 -7.17 -6.58 -25.95
N THR A 161 -8.24 -6.01 -25.43
CA THR A 161 -9.43 -5.75 -26.24
C THR A 161 -9.33 -4.37 -26.93
N GLN A 162 -8.36 -3.57 -26.51
CA GLN A 162 -8.21 -2.16 -26.95
C GLN A 162 -9.30 -1.19 -26.46
N ARG A 163 -10.21 -1.64 -25.62
CA ARG A 163 -11.17 -0.74 -25.01
C ARG A 163 -10.46 0.32 -24.20
N GLY A 164 -10.74 1.58 -24.51
CA GLY A 164 -10.17 2.72 -23.77
C GLY A 164 -8.78 3.13 -24.18
N LEU A 165 -8.17 2.41 -25.11
CA LEU A 165 -6.74 2.51 -25.31
C LEU A 165 -6.42 3.79 -26.08
N LYS A 166 -7.20 4.07 -27.14
CA LYS A 166 -7.02 5.33 -27.89
C LYS A 166 -7.22 6.55 -26.99
N THR A 167 -8.22 6.49 -26.12
CA THR A 167 -8.50 7.59 -25.19
C THR A 167 -7.35 7.90 -24.25
N VAL A 168 -6.62 6.90 -23.83
CA VAL A 168 -5.46 7.10 -22.95
C VAL A 168 -4.47 8.07 -23.56
N PHE A 169 -4.12 7.80 -24.81
CA PHE A 169 -3.11 8.61 -25.51
C PHE A 169 -3.65 9.95 -26.04
N ASP A 170 -4.94 9.99 -26.41
CA ASP A 170 -5.65 11.26 -26.67
C ASP A 170 -5.59 12.19 -25.45
N GLU A 171 -5.84 11.62 -24.29
CA GLU A 171 -5.85 12.41 -23.06
C GLU A 171 -4.46 12.75 -22.59
N ALA A 172 -3.48 11.88 -22.83
CA ALA A 172 -2.07 12.23 -22.58
C ALA A 172 -1.67 13.47 -23.38
N ILE A 173 -2.07 13.51 -24.64
CA ILE A 173 -1.72 14.62 -25.48
C ILE A 173 -2.47 15.86 -25.07
N ARG A 174 -3.73 15.72 -24.68
CA ARG A 174 -4.50 16.87 -24.24
C ARG A 174 -3.94 17.51 -22.96
N ALA A 175 -3.35 16.71 -22.09
CA ALA A 175 -2.74 17.17 -20.84
C ALA A 175 -1.53 18.06 -21.16
N VAL A 176 -0.78 17.65 -22.18
CA VAL A 176 0.37 18.40 -22.63
C VAL A 176 -0.04 19.69 -23.35
N LEU A 177 -1.06 19.64 -24.20
CA LEU A 177 -1.36 20.79 -25.06
C LEU A 177 -2.30 21.85 -24.46
N MET B 1 -25.16 -6.17 24.05
CA MET B 1 -23.98 -5.62 23.31
C MET B 1 -22.99 -6.74 22.94
N GLN B 2 -22.74 -6.90 21.64
CA GLN B 2 -21.77 -7.90 21.16
C GLN B 2 -20.39 -7.51 21.67
N ALA B 3 -19.50 -8.49 21.79
CA ALA B 3 -18.12 -8.22 22.21
C ALA B 3 -17.12 -8.74 21.17
N ILE B 4 -15.95 -8.10 21.13
CA ILE B 4 -14.87 -8.48 20.21
C ILE B 4 -13.53 -8.56 20.95
N LYS B 5 -12.81 -9.67 20.81
CA LYS B 5 -11.49 -9.83 21.44
C LYS B 5 -10.38 -9.49 20.45
N CYS B 6 -9.56 -8.53 20.83
CA CYS B 6 -8.41 -8.14 20.08
C CYS B 6 -7.15 -8.42 20.91
N VAL B 7 -6.16 -9.04 20.28
CA VAL B 7 -4.86 -9.31 20.93
C VAL B 7 -3.70 -8.63 20.18
N VAL B 8 -2.87 -7.91 20.92
CA VAL B 8 -1.73 -7.23 20.35
C VAL B 8 -0.47 -8.00 20.73
N VAL B 9 0.30 -8.41 19.72
CA VAL B 9 1.56 -9.07 19.94
C VAL B 9 2.69 -8.32 19.21
N GLY B 10 3.91 -8.66 19.54
CA GLY B 10 5.08 -8.04 18.95
C GLY B 10 6.19 -8.01 19.97
N ASP B 11 7.37 -7.60 19.53
CA ASP B 11 8.55 -7.56 20.41
C ASP B 11 8.33 -6.65 21.62
N GLY B 12 9.04 -6.94 22.70
CA GLY B 12 9.14 -6.06 23.85
C GLY B 12 9.58 -4.68 23.44
N ALA B 13 8.95 -3.67 24.04
CA ALA B 13 9.24 -2.26 23.79
C ALA B 13 8.93 -1.71 22.40
N VAL B 14 8.08 -2.39 21.62
CA VAL B 14 7.61 -1.76 20.36
C VAL B 14 6.53 -0.70 20.60
N GLY B 15 5.96 -0.68 21.80
CA GLY B 15 4.92 0.29 22.14
C GLY B 15 3.52 -0.31 22.28
N LYS B 16 3.45 -1.59 22.58
CA LYS B 16 2.16 -2.29 22.64
C LYS B 16 1.30 -1.74 23.77
N THR B 17 1.88 -1.54 24.94
CA THR B 17 1.14 -1.08 26.10
C THR B 17 0.69 0.38 25.91
N CYS B 18 1.61 1.21 25.45
CA CYS B 18 1.28 2.59 25.14
C CYS B 18 0.20 2.74 24.08
N LEU B 19 0.23 1.87 23.07
CA LEU B 19 -0.77 1.87 22.02
C LEU B 19 -2.16 1.66 22.63
N LEU B 20 -2.26 0.68 23.53
CA LEU B 20 -3.55 0.29 24.11
C LEU B 20 -4.04 1.35 25.07
N ILE B 21 -3.16 1.85 25.92
CA ILE B 21 -3.54 2.85 26.92
C ILE B 21 -3.88 4.18 26.29
N SER B 22 -3.11 4.59 25.31
CA SER B 22 -3.39 5.83 24.59
C SER B 22 -4.75 5.78 23.92
N TYR B 23 -5.09 4.62 23.35
CA TYR B 23 -6.35 4.46 22.64
C TYR B 23 -7.55 4.45 23.58
N THR B 24 -7.45 3.69 24.68
CA THR B 24 -8.58 3.52 25.59
C THR B 24 -8.78 4.70 26.52
N THR B 25 -7.71 5.38 26.90
CA THR B 25 -7.77 6.49 27.85
C THR B 25 -7.50 7.86 27.25
N ASN B 26 -7.01 7.89 26.00
CA ASN B 26 -6.58 9.14 25.38
C ASN B 26 -5.41 9.83 26.08
N ALA B 27 -4.73 9.11 26.98
CA ALA B 27 -3.61 9.64 27.70
C ALA B 27 -2.46 8.73 27.36
N PHE B 28 -1.28 9.29 27.12
CA PHE B 28 -0.04 8.52 26.91
C PHE B 28 0.60 8.22 28.27
N PRO B 29 0.79 6.92 28.61
CA PRO B 29 1.40 6.57 29.89
C PRO B 29 2.83 7.12 30.09
N GLY B 30 3.12 7.59 31.29
CA GLY B 30 4.44 8.14 31.63
C GLY B 30 5.22 7.35 32.69
N GLU B 31 4.61 6.29 33.21
CA GLU B 31 5.30 5.37 34.12
C GLU B 31 4.76 3.98 33.83
N TYR B 32 5.41 2.97 34.41
CA TYR B 32 5.12 1.55 34.09
C TYR B 32 3.74 1.13 34.59
N ILE B 33 3.05 0.32 33.80
CA ILE B 33 1.77 -0.25 34.18
C ILE B 33 2.01 -1.69 34.62
N ASP B 38 -2.74 -8.12 30.86
CA ASP B 38 -3.91 -7.29 31.18
C ASP B 38 -4.83 -7.14 29.96
N ASN B 39 -6.13 -6.98 30.22
CA ASN B 39 -7.11 -6.67 29.19
C ASN B 39 -7.78 -5.32 29.45
N TYR B 40 -8.07 -4.58 28.40
CA TYR B 40 -8.61 -3.23 28.52
C TYR B 40 -9.95 -3.22 27.82
N SER B 41 -10.75 -2.19 28.09
CA SER B 41 -12.03 -1.99 27.38
C SER B 41 -12.07 -0.72 26.54
N ALA B 42 -12.62 -0.89 25.35
CA ALA B 42 -13.09 0.21 24.56
C ALA B 42 -14.54 -0.12 24.16
N ASN B 43 -15.26 0.93 23.79
CA ASN B 43 -16.52 0.77 23.12
C ASN B 43 -16.39 1.56 21.85
N VAL B 44 -16.97 1.04 20.77
CA VAL B 44 -16.88 1.69 19.49
C VAL B 44 -18.26 1.74 18.90
N MET B 45 -18.59 2.84 18.22
CA MET B 45 -19.81 2.92 17.45
C MET B 45 -19.49 2.25 16.13
N VAL B 46 -20.27 1.24 15.76
CA VAL B 46 -20.10 0.59 14.48
C VAL B 46 -21.44 0.70 13.75
N ASP B 47 -21.47 1.54 12.71
CA ASP B 47 -22.68 1.89 11.95
C ASP B 47 -23.84 2.23 12.87
N GLY B 48 -23.58 3.10 13.83
CA GLY B 48 -24.61 3.52 14.78
C GLY B 48 -25.05 2.49 15.81
N LYS B 49 -24.27 1.42 15.99
CA LYS B 49 -24.50 0.46 17.06
C LYS B 49 -23.22 0.38 17.90
N PRO B 50 -23.34 0.56 19.23
CA PRO B 50 -22.14 0.42 20.04
C PRO B 50 -21.73 -1.05 20.24
N VAL B 51 -20.45 -1.31 20.19
CA VAL B 51 -19.90 -2.65 20.37
C VAL B 51 -18.78 -2.59 21.39
N ASN B 52 -18.63 -3.67 22.19
CA ASN B 52 -17.52 -3.73 23.14
C ASN B 52 -16.25 -4.27 22.52
N LEU B 53 -15.15 -3.59 22.77
CA LEU B 53 -13.85 -3.99 22.29
C LEU B 53 -12.97 -4.36 23.48
N GLY B 54 -12.60 -5.63 23.53
CA GLY B 54 -11.70 -6.15 24.55
C GLY B 54 -10.31 -6.18 23.95
N LEU B 55 -9.36 -5.53 24.61
CA LEU B 55 -7.99 -5.37 24.11
C LEU B 55 -7.04 -6.03 25.09
N TRP B 56 -6.28 -7.01 24.59
CA TRP B 56 -5.40 -7.82 25.42
C TRP B 56 -3.96 -7.53 25.06
N ASP B 57 -3.21 -7.15 26.09
CA ASP B 57 -1.79 -6.85 25.98
C ASP B 57 -1.03 -8.15 26.20
N THR B 58 0.07 -8.38 25.48
CA THR B 58 0.87 -9.58 25.70
C THR B 58 2.30 -9.22 26.04
N ALA B 59 3.00 -10.21 26.57
CA ALA B 59 4.43 -10.13 26.86
C ALA B 59 5.16 -10.74 25.68
N GLY B 60 6.03 -9.97 25.04
CA GLY B 60 6.72 -10.41 23.83
C GLY B 60 8.11 -11.00 23.99
N GLN B 61 8.59 -11.06 25.22
CA GLN B 61 9.94 -11.52 25.52
C GLN B 61 9.95 -13.05 25.51
N GLU B 62 11.13 -13.62 25.27
CA GLU B 62 11.30 -15.09 25.18
C GLU B 62 10.82 -15.82 26.42
N ASP B 63 10.98 -15.17 27.58
CA ASP B 63 10.57 -15.77 28.85
C ASP B 63 9.07 -16.07 28.94
N TYR B 64 8.27 -15.43 28.09
CA TYR B 64 6.82 -15.71 27.99
C TYR B 64 6.42 -16.48 26.74
N ASP B 65 7.38 -17.07 26.02
CA ASP B 65 7.08 -17.81 24.78
C ASP B 65 6.07 -18.96 24.96
N ARG B 66 6.14 -19.68 26.06
CA ARG B 66 5.24 -20.79 26.27
C ARG B 66 3.90 -20.39 26.88
N LEU B 67 3.88 -19.30 27.65
CA LEU B 67 2.66 -18.81 28.28
C LEU B 67 1.82 -17.93 27.38
N ARG B 68 2.48 -17.16 26.52
CA ARG B 68 1.79 -16.18 25.69
C ARG B 68 0.60 -16.78 24.87
N PRO B 69 0.81 -17.90 24.18
CA PRO B 69 -0.27 -18.45 23.35
C PRO B 69 -1.54 -18.91 24.08
N LEU B 70 -1.49 -19.08 25.40
CA LEU B 70 -2.69 -19.35 26.19
C LEU B 70 -3.71 -18.21 26.10
N SER B 71 -3.29 -17.05 25.62
CA SER B 71 -4.17 -15.88 25.45
C SER B 71 -4.88 -15.87 24.10
N TYR B 72 -4.44 -16.71 23.17
CA TYR B 72 -4.95 -16.66 21.81
C TYR B 72 -6.34 -17.22 21.58
N PRO B 73 -6.74 -18.26 22.32
CA PRO B 73 -8.08 -18.78 22.09
C PRO B 73 -9.19 -17.71 22.17
N GLN B 74 -10.19 -17.85 21.29
CA GLN B 74 -11.31 -16.92 21.17
C GLN B 74 -10.95 -15.50 20.72
N THR B 75 -9.75 -15.30 20.19
CA THR B 75 -9.37 -14.02 19.60
C THR B 75 -10.05 -13.80 18.25
N ASP B 76 -10.61 -12.60 18.08
CA ASP B 76 -11.29 -12.25 16.82
C ASP B 76 -10.38 -11.56 15.82
N VAL B 77 -9.35 -10.89 16.32
CA VAL B 77 -8.39 -10.22 15.43
C VAL B 77 -7.10 -10.03 16.20
N PHE B 78 -5.97 -10.20 15.52
CA PHE B 78 -4.66 -9.90 16.09
C PHE B 78 -4.11 -8.63 15.44
N LEU B 79 -3.40 -7.86 16.23
CA LEU B 79 -2.52 -6.83 15.73
C LEU B 79 -1.11 -7.30 15.97
N ILE B 80 -0.34 -7.52 14.91
CA ILE B 80 1.10 -7.73 15.08
C ILE B 80 1.78 -6.38 14.91
N CYS B 81 2.54 -5.99 15.93
CA CYS B 81 3.16 -4.67 15.99
C CYS B 81 4.68 -4.74 15.91
N PHE B 82 5.25 -3.70 15.32
CA PHE B 82 6.69 -3.49 15.31
C PHE B 82 6.91 -1.99 15.37
N SER B 83 8.11 -1.59 15.77
CA SER B 83 8.44 -0.17 15.81
C SER B 83 9.01 0.24 14.47
N LEU B 84 8.49 1.33 13.92
CA LEU B 84 9.05 1.84 12.66
C LEU B 84 10.53 2.20 12.78
N VAL B 85 11.02 2.35 14.02
CA VAL B 85 12.43 2.69 14.23
C VAL B 85 13.22 1.54 14.87
N SER B 86 12.67 0.34 14.86
CA SER B 86 13.44 -0.87 15.24
C SER B 86 13.32 -1.94 14.17
N PRO B 87 14.18 -1.88 13.16
CA PRO B 87 14.22 -2.89 12.11
C PRO B 87 14.21 -4.35 12.63
N ALA B 88 14.78 -4.59 13.81
CA ALA B 88 14.77 -5.93 14.41
C ALA B 88 13.36 -6.41 14.69
N SER B 89 12.54 -5.53 15.28
CA SER B 89 11.13 -5.85 15.54
C SER B 89 10.39 -6.13 14.25
N PHE B 90 10.80 -5.45 13.17
CA PHE B 90 10.20 -5.59 11.85
C PHE B 90 10.51 -6.98 11.26
N GLU B 91 11.78 -7.38 11.32
CA GLU B 91 12.21 -8.70 10.83
C GLU B 91 11.63 -9.83 11.70
N ASN B 92 11.36 -9.53 12.95
CA ASN B 92 10.69 -10.48 13.84
C ASN B 92 9.23 -10.77 13.52
N VAL B 93 8.59 -9.89 12.74
CA VAL B 93 7.23 -10.12 12.27
C VAL B 93 7.23 -11.37 11.41
N ARG B 94 8.16 -11.40 10.46
CA ARG B 94 8.35 -12.53 9.56
C ARG B 94 8.95 -13.75 10.26
N ALA B 95 9.92 -13.52 11.16
CA ALA B 95 10.69 -14.60 11.77
C ALA B 95 9.96 -15.31 12.93
N LYS B 96 9.12 -14.56 13.65
CA LYS B 96 8.56 -15.04 14.89
C LYS B 96 7.06 -14.86 14.97
N TRP B 97 6.58 -13.64 14.77
CA TRP B 97 5.19 -13.32 15.15
C TRP B 97 4.15 -13.91 14.22
N TYR B 98 4.31 -13.72 12.92
CA TYR B 98 3.35 -14.29 11.96
C TYR B 98 3.34 -15.82 12.01
N PRO B 99 4.52 -16.47 11.94
CA PRO B 99 4.52 -17.93 12.08
C PRO B 99 3.86 -18.46 13.36
N GLU B 100 4.08 -17.80 14.51
CA GLU B 100 3.45 -18.21 15.76
C GLU B 100 1.95 -18.01 15.74
N VAL B 101 1.51 -16.79 15.44
CA VAL B 101 0.10 -16.46 15.50
C VAL B 101 -0.70 -17.21 14.45
N ARG B 102 -0.19 -17.29 13.22
CA ARG B 102 -0.94 -17.94 12.13
C ARG B 102 -1.06 -19.47 12.32
N HIS B 103 -0.02 -20.08 12.87
CA HIS B 103 -0.04 -21.50 13.11
C HIS B 103 -1.07 -21.86 14.19
N HIS B 104 -1.09 -21.07 15.27
CA HIS B 104 -1.99 -21.32 16.39
C HIS B 104 -3.42 -20.90 16.11
N CYS B 105 -3.59 -19.91 15.23
CA CYS B 105 -4.88 -19.35 14.89
C CYS B 105 -4.97 -19.21 13.38
N PRO B 106 -5.29 -20.32 12.68
CA PRO B 106 -5.15 -20.40 11.22
C PRO B 106 -6.06 -19.50 10.39
N HIS B 107 -7.09 -18.91 11.00
CA HIS B 107 -8.13 -18.17 10.24
C HIS B 107 -8.38 -16.75 10.77
N THR B 108 -7.73 -16.37 11.85
CA THR B 108 -8.01 -15.10 12.51
C THR B 108 -7.36 -14.01 11.69
N PRO B 109 -8.11 -12.95 11.39
CA PRO B 109 -7.43 -11.87 10.65
C PRO B 109 -6.30 -11.27 11.47
N ILE B 110 -5.26 -10.84 10.75
CA ILE B 110 -4.09 -10.17 11.29
C ILE B 110 -3.94 -8.76 10.70
N LEU B 111 -3.78 -7.77 11.56
CA LEU B 111 -3.41 -6.44 11.10
C LEU B 111 -1.94 -6.23 11.40
N LEU B 112 -1.19 -5.72 10.42
CA LEU B 112 0.21 -5.38 10.68
C LEU B 112 0.25 -3.89 11.01
N VAL B 113 0.78 -3.58 12.20
CA VAL B 113 0.84 -2.21 12.69
C VAL B 113 2.26 -1.75 12.97
N GLY B 114 2.65 -0.66 12.32
CA GLY B 114 3.90 0.02 12.61
C GLY B 114 3.66 1.07 13.65
N THR B 115 4.48 1.08 14.71
CA THR B 115 4.34 2.02 15.81
C THR B 115 5.48 3.04 15.81
N LYS B 116 5.36 4.04 16.69
CA LYS B 116 6.36 5.11 16.88
C LYS B 116 6.62 5.91 15.60
N LEU B 117 5.54 6.14 14.85
CA LEU B 117 5.56 6.94 13.61
C LEU B 117 6.19 8.33 13.77
N ASP B 118 5.96 8.94 14.92
CA ASP B 118 6.56 10.22 15.28
C ASP B 118 8.11 10.23 15.30
N LEU B 119 8.72 9.05 15.51
CA LEU B 119 10.18 8.93 15.55
C LEU B 119 10.83 8.77 14.17
N ARG B 120 10.01 8.53 13.15
CA ARG B 120 10.54 8.26 11.82
C ARG B 120 11.24 9.47 11.21
N ASP B 121 10.77 10.65 11.59
CA ASP B 121 11.38 11.90 11.14
C ASP B 121 12.36 12.49 12.17
N ASP B 122 12.69 11.75 13.22
CA ASP B 122 13.55 12.26 14.30
C ASP B 122 15.03 12.11 13.98
N LYS B 123 15.73 13.23 13.86
CA LYS B 123 17.10 13.21 13.38
C LYS B 123 18.00 12.28 14.19
N ASP B 124 17.81 12.26 15.52
CA ASP B 124 18.67 11.48 16.43
C ASP B 124 18.41 9.98 16.34
N THR B 125 17.14 9.62 16.26
CA THR B 125 16.75 8.23 16.09
C THR B 125 17.32 7.72 14.77
N ILE B 126 17.27 8.56 13.74
CA ILE B 126 17.83 8.24 12.44
C ILE B 126 19.36 8.11 12.53
N GLU B 127 19.99 8.96 13.34
CA GLU B 127 21.45 8.94 13.49
C GLU B 127 21.93 7.73 14.31
N ARG B 128 21.19 7.35 15.35
CA ARG B 128 21.53 6.15 16.11
C ARG B 128 21.33 4.88 15.26
N LEU B 129 20.42 4.94 14.29
CA LEU B 129 20.18 3.83 13.37
C LEU B 129 21.25 3.75 12.31
N ARG B 130 21.70 4.90 11.82
CA ARG B 130 22.71 4.96 10.77
C ARG B 130 24.04 4.33 11.20
N ASP B 131 24.35 4.41 12.50
CA ASP B 131 25.58 3.82 13.03
C ASP B 131 25.52 2.28 13.03
N LYS B 132 24.31 1.72 13.13
CA LYS B 132 24.11 0.27 12.95
C LYS B 132 23.99 -0.13 11.47
N LYS B 133 24.17 0.82 10.56
CA LYS B 133 23.91 0.61 9.13
C LYS B 133 22.42 0.31 8.88
N LEU B 134 21.56 0.85 9.72
CA LEU B 134 20.12 0.61 9.62
C LEU B 134 19.39 1.93 9.44
N ALA B 135 18.08 1.84 9.25
CA ALA B 135 17.30 3.04 8.96
C ALA B 135 15.85 2.77 9.34
N PRO B 136 15.04 3.83 9.49
CA PRO B 136 13.65 3.56 9.86
C PRO B 136 12.93 2.77 8.77
N ILE B 137 11.86 2.08 9.17
CA ILE B 137 11.08 1.28 8.25
C ILE B 137 10.19 2.23 7.44
N THR B 138 10.22 2.08 6.12
CA THR B 138 9.45 2.93 5.23
C THR B 138 8.07 2.33 4.99
N TYR B 139 7.19 3.13 4.40
CA TYR B 139 5.82 2.66 4.10
C TYR B 139 5.86 1.51 3.11
N PRO B 140 6.55 1.68 1.98
CA PRO B 140 6.66 0.54 1.06
C PRO B 140 7.15 -0.76 1.71
N GLN B 141 8.17 -0.67 2.55
CA GLN B 141 8.69 -1.85 3.28
C GLN B 141 7.60 -2.54 4.08
N GLY B 142 6.88 -1.78 4.89
CA GLY B 142 5.79 -2.34 5.69
C GLY B 142 4.67 -2.87 4.84
N LEU B 143 4.40 -2.17 3.74
CA LEU B 143 3.38 -2.60 2.80
C LEU B 143 3.74 -4.02 2.29
N ALA B 144 5.00 -4.20 1.91
CA ALA B 144 5.53 -5.45 1.39
C ALA B 144 5.46 -6.59 2.40
N MET B 145 5.73 -6.27 3.66
CA MET B 145 5.69 -7.25 4.74
C MET B 145 4.26 -7.73 4.98
N ALA B 146 3.32 -6.79 4.98
CA ALA B 146 1.90 -7.14 5.11
C ALA B 146 1.41 -8.11 4.02
N ARG B 147 1.91 -7.95 2.81
CA ARG B 147 1.53 -8.83 1.69
C ARG B 147 2.12 -10.23 1.86
N GLU B 148 3.37 -10.26 2.27
CA GLU B 148 4.07 -11.48 2.64
C GLU B 148 3.34 -12.24 3.75
N ILE B 149 2.95 -11.51 4.78
CA ILE B 149 2.24 -12.04 5.94
C ILE B 149 0.76 -12.37 5.64
N GLY B 150 0.20 -11.79 4.57
CA GLY B 150 -1.24 -11.95 4.28
C GLY B 150 -2.10 -11.22 5.33
N SER B 151 -1.57 -10.10 5.81
CA SER B 151 -2.25 -9.32 6.81
C SER B 151 -3.38 -8.62 6.06
N VAL B 152 -4.46 -8.30 6.76
CA VAL B 152 -5.61 -7.69 6.11
C VAL B 152 -5.40 -6.18 5.86
N LYS B 153 -4.45 -5.58 6.56
CA LYS B 153 -4.17 -4.16 6.42
C LYS B 153 -2.82 -3.88 7.05
N TYR B 154 -2.04 -3.01 6.41
CA TYR B 154 -0.87 -2.42 7.04
C TYR B 154 -1.23 -1.02 7.49
N LEU B 155 -0.91 -0.67 8.74
CA LEU B 155 -1.21 0.65 9.27
C LEU B 155 -0.02 1.16 10.07
N GLU B 156 0.25 2.46 9.95
CA GLU B 156 1.27 3.12 10.74
C GLU B 156 0.56 4.02 11.74
N CYS B 157 1.12 4.13 12.94
CA CYS B 157 0.55 5.01 13.93
C CYS B 157 1.56 5.46 14.98
N SER B 158 1.10 6.42 15.79
CA SER B 158 1.84 6.91 16.94
C SER B 158 0.91 6.99 18.15
N ALA B 159 1.21 6.26 19.21
CA ALA B 159 0.45 6.36 20.47
C ALA B 159 0.72 7.72 21.11
N LEU B 160 1.92 8.25 20.90
CA LEU B 160 2.32 9.52 21.48
C LEU B 160 1.51 10.69 20.88
N THR B 161 1.57 10.86 19.57
CA THR B 161 0.82 11.94 18.91
C THR B 161 -0.62 11.56 18.60
N GLN B 162 -0.93 10.27 18.69
CA GLN B 162 -2.24 9.69 18.33
C GLN B 162 -2.54 9.62 16.83
N ARG B 163 -1.59 10.05 16.00
CA ARG B 163 -1.78 10.05 14.55
C ARG B 163 -1.97 8.62 14.05
N GLY B 164 -3.07 8.38 13.35
CA GLY B 164 -3.39 7.04 12.82
C GLY B 164 -3.87 6.02 13.83
N LEU B 165 -4.04 6.42 15.08
CA LEU B 165 -4.34 5.49 16.14
C LEU B 165 -5.77 4.97 16.06
N LYS B 166 -6.76 5.85 15.96
CA LYS B 166 -8.18 5.45 15.82
CA LYS B 166 -8.15 5.37 15.88
C LYS B 166 -8.38 4.49 14.64
N THR B 167 -7.72 4.80 13.53
CA THR B 167 -7.80 4.00 12.32
C THR B 167 -7.40 2.54 12.54
N VAL B 168 -6.31 2.32 13.25
CA VAL B 168 -5.87 1.00 13.69
C VAL B 168 -7.04 0.17 14.23
N PHE B 169 -7.79 0.74 15.17
CA PHE B 169 -8.85 -0.01 15.83
C PHE B 169 -10.16 -0.03 15.02
N ASP B 170 -10.40 1.01 14.24
CA ASP B 170 -11.50 0.98 13.26
C ASP B 170 -11.28 -0.12 12.20
N GLU B 171 -10.04 -0.30 11.77
CA GLU B 171 -9.70 -1.36 10.82
C GLU B 171 -9.76 -2.76 11.42
N ALA B 172 -9.32 -2.89 12.66
CA ALA B 172 -9.42 -4.15 13.36
C ALA B 172 -10.87 -4.57 13.44
N ILE B 173 -11.75 -3.65 13.83
CA ILE B 173 -13.17 -3.95 13.90
C ILE B 173 -13.75 -4.33 12.53
N ARG B 174 -13.39 -3.56 11.51
CA ARG B 174 -13.83 -3.85 10.14
C ARG B 174 -13.39 -5.24 9.68
N ALA B 175 -12.18 -5.66 10.04
CA ALA B 175 -11.67 -6.98 9.71
C ALA B 175 -12.54 -8.10 10.32
N VAL B 176 -13.13 -7.83 11.47
CA VAL B 176 -13.95 -8.82 12.18
C VAL B 176 -15.37 -8.82 11.65
N LEU B 177 -15.93 -7.64 11.42
CA LEU B 177 -17.30 -7.53 10.96
C LEU B 177 -17.47 -7.64 9.44
PB GDP C . 4.82 -4.96 -17.95
O1B GDP C . 5.46 -4.42 -19.17
O2B GDP C . 5.77 -5.78 -17.12
O3B GDP C . 4.23 -3.87 -17.11
O3A GDP C . 3.58 -5.88 -18.30
PA GDP C . 3.41 -6.64 -19.70
O1A GDP C . 2.96 -5.70 -20.81
O2A GDP C . 4.64 -7.41 -20.08
O5' GDP C . 2.18 -7.62 -19.38
C5' GDP C . 2.26 -8.46 -18.21
C4' GDP C . 1.30 -9.62 -18.37
O4' GDP C . 0.00 -9.06 -18.44
C3' GDP C . 1.49 -10.39 -19.68
O3' GDP C . 1.18 -11.77 -19.46
C2' GDP C . 0.45 -9.83 -20.61
O2' GDP C . -0.01 -10.72 -21.62
C1' GDP C . -0.64 -9.45 -19.64
N9 GDP C . -1.42 -8.31 -20.08
C8 GDP C . -0.94 -7.11 -20.44
N7 GDP C . -1.96 -6.29 -20.79
C5 GDP C . -3.11 -6.97 -20.63
C6 GDP C . -4.56 -6.67 -20.81
O6 GDP C . -4.97 -5.55 -21.22
N1 GDP C . -5.41 -7.66 -20.52
C2 GDP C . -5.00 -8.88 -20.08
N2 GDP C . -5.92 -9.84 -19.81
N3 GDP C . -3.72 -9.23 -19.88
C4 GDP C . -2.75 -8.31 -20.15
PB GDP D . 17.62 16.77 -4.29
O1B GDP D . 18.49 16.00 -5.19
O2B GDP D . 17.54 18.23 -4.64
O3B GDP D . 16.23 16.09 -4.34
O3A GDP D . 18.33 16.79 -2.85
PA GDP D . 19.00 15.49 -2.13
O1A GDP D . 19.75 14.62 -3.06
O2A GDP D . 19.81 16.10 -1.04
O5' GDP D . 17.69 14.70 -1.62
C5' GDP D . 16.88 15.31 -0.63
C4' GDP D . 15.78 14.36 -0.17
O4' GDP D . 14.98 13.89 -1.26
C3' GDP D . 16.35 13.11 0.50
O3' GDP D . 15.51 12.76 1.59
C2' GDP D . 16.22 12.05 -0.57
O2' GDP D . 16.20 10.72 -0.06
C1' GDP D . 14.88 12.46 -1.14
N9 GDP D . 14.57 11.74 -2.39
C8 GDP D . 15.42 11.27 -3.33
N7 GDP D . 14.73 10.68 -4.35
C5 GDP D . 13.43 10.76 -4.04
C6 GDP D . 12.17 10.35 -4.66
O6 GDP D . 12.20 9.74 -5.73
N1 GDP D . 11.02 10.65 -4.03
C2 GDP D . 10.99 11.32 -2.84
N2 GDP D . 9.81 11.60 -2.25
N3 GDP D . 12.11 11.72 -2.21
C4 GDP D . 13.33 11.47 -2.76
PB GDP E . 17.46 12.60 -6.12
O1B GDP E . 18.58 12.95 -5.15
O2B GDP E . 17.18 11.14 -6.16
O3B GDP E . 16.19 13.42 -5.80
O3A GDP E . 17.85 12.96 -7.61
PA GDP E . 19.30 13.39 -8.15
O1A GDP E . 19.99 14.32 -7.22
O2A GDP E . 20.02 12.16 -8.57
O5' GDP E . 18.96 14.25 -9.45
C5' GDP E . 18.63 13.59 -10.65
C4' GDP E . 17.58 14.40 -11.40
O4' GDP E . 16.25 14.20 -10.88
C3' GDP E . 17.82 15.91 -11.39
O3' GDP E . 18.76 16.25 -12.41
C2' GDP E . 16.42 16.45 -11.63
O2' GDP E . 16.10 16.34 -12.99
C1' GDP E . 15.57 15.44 -10.88
N9 GDP E . 15.36 15.82 -9.47
C8 GDP E . 15.69 15.09 -8.39
N7 GDP E . 15.32 15.73 -7.26
C5 GDP E . 14.72 16.87 -7.63
C6 GDP E . 14.06 18.02 -6.97
O6 GDP E . 14.00 18.04 -5.72
N1 GDP E . 13.55 19.01 -7.73
C2 GDP E . 13.63 18.98 -9.10
N2 GDP E . 13.15 19.99 -9.85
N3 GDP E . 14.21 17.98 -9.78
C4 GDP E . 14.75 16.91 -9.09
PB GDP F . 12.11 23.19 -11.33
O1B GDP F . 12.57 24.45 -12.03
O2B GDP F . 13.03 22.87 -10.15
O3B GDP F . 10.64 23.30 -11.02
O3A GDP F . 12.14 22.04 -12.41
PA GDP F . 13.38 21.53 -13.27
O1A GDP F . 14.50 22.54 -13.35
O2A GDP F . 13.73 20.14 -12.91
O5' GDP F . 12.74 21.31 -14.70
C5' GDP F . 12.01 20.14 -15.08
C4' GDP F . 10.99 20.53 -16.14
O4' GDP F . 9.95 21.32 -15.53
C3' GDP F . 11.59 21.39 -17.22
O3' GDP F . 10.98 21.08 -18.45
C2' GDP F . 11.26 22.82 -16.85
O2' GDP F . 11.18 23.71 -17.98
C1' GDP F . 9.91 22.60 -16.21
N9 GDP F . 9.60 23.56 -15.18
C8 GDP F . 10.45 24.13 -14.30
N7 GDP F . 9.77 24.92 -13.45
C5 GDP F . 8.46 24.86 -13.86
C6 GDP F . 7.20 25.41 -13.43
O6 GDP F . 7.15 26.19 -12.43
N1 GDP F . 6.09 25.07 -14.11
C2 GDP F . 6.07 24.22 -15.14
N2 GDP F . 4.90 23.94 -15.74
N3 GDP F . 7.21 23.68 -15.59
C4 GDP F . 8.39 23.96 -14.99
PB GDP G . -20.08 -2.05 -17.08
PB GDP G . -18.52 -3.82 -18.58
O1B GDP G . -19.96 -3.22 -16.14
O1B GDP G . -17.76 -5.10 -18.33
O2B GDP G . -20.10 -2.54 -18.51
O2B GDP G . -19.20 -3.90 -19.93
O3B GDP G . -21.36 -1.30 -16.80
O3B GDP G . -19.59 -3.66 -17.51
O3A GDP G . -18.81 -1.07 -16.83
O3A GDP G . -17.52 -2.54 -18.61
PA GDP G . -17.28 -1.56 -17.07
PA GDP G . -16.64 -1.91 -17.38
O1A GDP G . -17.24 -2.71 -18.06
O1A GDP G . -17.23 -2.14 -15.98
O2A GDP G . -16.55 -1.92 -15.80
O2A GDP G . -15.24 -2.52 -17.41
O5' GDP G . -16.56 -0.32 -17.75
O5' GDP G . -16.56 -0.33 -17.76
C5' GDP G . -17.00 0.16 -19.02
C4' GDP G . -16.40 1.53 -19.30
O4' GDP G . -16.96 2.52 -18.41
C3' GDP G . -14.90 1.50 -19.06
O3' GDP G . -14.25 2.42 -19.93
C2' GDP G . -14.75 1.93 -17.61
O2' GDP G . -13.57 2.67 -17.39
C1' GDP G . -15.99 2.80 -17.39
N9 GDP G . -16.57 2.61 -16.03
C8 GDP G . -16.71 1.52 -15.24
N7 GDP G . -17.28 1.85 -14.05
C5 GDP G . -17.51 3.18 -14.09
C6 GDP G . -18.08 4.20 -13.19
O6 GDP G . -18.51 3.91 -12.04
N1 GDP G . -18.10 5.47 -13.65
C2 GDP G . -17.64 5.84 -14.87
N2 GDP G . -17.70 7.13 -15.28
N3 GDP G . -17.11 4.95 -15.74
C4 GDP G . -17.02 3.65 -15.40
CA CA H . 15.35 10.29 -6.26
CA CA I . 15.45 15.01 -5.36
CA CA J . 14.71 23.31 -9.47
CA CA K . 9.42 23.64 -9.60
CA CA L . 14.44 24.57 -13.19
S SO4 M . 10.54 22.21 -7.02
O1 SO4 M . 11.14 20.86 -7.01
O2 SO4 M . 9.63 22.46 -8.16
O3 SO4 M . 9.83 22.32 -5.71
O4 SO4 M . 11.60 23.23 -7.03
S SO4 N . 10.49 26.51 -9.07
O1 SO4 N . 9.40 25.49 -8.97
O2 SO4 N . 11.17 26.25 -10.40
O3 SO4 N . 9.99 27.92 -9.04
O4 SO4 N . 11.45 26.36 -7.96
MG MG O . 7.38 -4.33 -19.88
MG MG P . 19.87 14.53 -5.11
MG MG Q . 13.74 19.17 -3.83
CA CA R . 11.91 25.12 -6.58
PB GDP S . 5.67 -2.70 24.97
O1B GDP S . 5.43 -3.22 23.58
O2B GDP S . 4.39 -2.73 25.76
O3B GDP S . 6.70 -3.59 25.61
O3A GDP S . 6.18 -1.17 24.77
PA GDP S . 5.72 0.05 25.71
O1A GDP S . 4.29 0.47 25.49
O2A GDP S . 5.93 -0.32 27.15
O5' GDP S . 6.67 1.23 25.23
C5' GDP S . 8.07 1.06 25.04
C4' GDP S . 8.79 2.40 25.02
O4' GDP S . 8.45 3.07 23.81
C3' GDP S . 8.37 3.34 26.17
O3' GDP S . 9.49 4.10 26.64
C2' GDP S . 7.37 4.26 25.54
O2' GDP S . 7.32 5.55 26.16
C1' GDP S . 7.85 4.33 24.11
N9 GDP S . 6.75 4.56 23.15
C8 GDP S . 5.61 3.82 23.02
N7 GDP S . 4.82 4.32 22.06
C5 GDP S . 5.45 5.40 21.57
C6 GDP S . 5.16 6.40 20.53
O6 GDP S . 4.11 6.33 19.87
N1 GDP S . 6.08 7.36 20.32
C2 GDP S . 7.23 7.46 21.03
N2 GDP S . 8.11 8.46 20.77
N3 GDP S . 7.57 6.58 22.01
C4 GDP S . 6.72 5.56 22.30
PB GDP T . 0.00 -29.43 16.52
O1B GDP T . -1.32 -29.85 15.97
O2B GDP T . 0.50 -28.19 15.83
O3B GDP T . -0.08 -29.22 18.01
O3A GDP T . 0.96 -30.68 16.29
PA GDP T . 2.33 -30.81 17.12
O1A GDP T . 2.19 -30.47 18.58
O2A GDP T . 2.89 -32.18 16.83
O5' GDP T . 3.25 -29.77 16.36
C5' GDP T . 3.34 -29.95 14.94
C4' GDP T . 4.37 -28.95 14.48
O4' GDP T . 3.92 -27.63 14.78
C3' GDP T . 5.71 -29.19 15.21
O3' GDP T . 6.75 -29.39 14.25
C2' GDP T . 5.88 -27.92 16.03
O2' GDP T . 7.24 -27.53 16.18
C1' GDP T . 5.08 -26.92 15.19
N9 GDP T . 4.79 -25.65 15.91
C8 GDP T . 4.43 -25.50 17.20
N7 GDP T . 4.23 -24.19 17.50
C5 GDP T . 4.47 -23.50 16.39
C6 GDP T . 4.46 -22.08 16.02
O6 GDP T . 4.17 -21.22 16.88
N1 GDP T . 4.78 -21.74 14.76
C2 GDP T . 5.10 -22.68 13.83
N2 GDP T . 5.39 -22.29 12.56
N3 GDP T . 5.13 -24.00 14.10
C4 GDP T . 4.83 -24.45 15.34
PB GDP U . 1.64 -26.30 19.24
O1B GDP U . 2.62 -25.36 19.82
O2B GDP U . 1.20 -26.10 17.78
O3B GDP U . 2.03 -27.77 19.48
O3A GDP U . 0.31 -26.02 20.13
PA GDP U . -0.36 -26.96 21.23
O1A GDP U . -0.65 -28.37 20.79
O2A GDP U . 0.14 -26.86 22.63
O5' GDP U . -1.59 -26.01 21.53
C5' GDP U . -2.75 -26.33 20.98
C4' GDP U . -3.52 -25.07 21.07
O4' GDP U . -2.97 -24.05 20.25
C3' GDP U . -4.79 -25.61 20.49
O3' GDP U . -5.72 -25.86 21.55
C2' GDP U . -5.11 -24.61 19.40
O2' GDP U . -5.99 -23.62 19.88
C1' GDP U . -3.76 -23.98 19.07
N9 GDP U . -3.06 -24.69 17.97
C8 GDP U . -1.79 -25.13 17.99
N7 GDP U . -1.48 -25.73 16.82
C5 GDP U . -2.54 -25.64 16.01
C6 GDP U . -2.87 -26.06 14.63
O6 GDP U . -2.03 -26.63 13.93
N1 GDP U . -4.09 -25.81 14.15
C2 GDP U . -5.03 -25.18 14.91
N2 GDP U . -6.24 -24.94 14.36
N3 GDP U . -4.81 -24.76 16.18
C4 GDP U . -3.61 -24.96 16.77
PB GDP V . -9.50 -25.24 12.72
O1B GDP V . -9.24 -24.41 11.49
O2B GDP V . -10.90 -25.81 12.64
O3B GDP V . -8.56 -26.40 13.05
O3A GDP V . -9.40 -24.05 13.83
PA GDP V . -9.67 -24.24 15.37
O1A GDP V . -10.37 -25.54 15.62
O2A GDP V . -8.35 -24.18 16.13
O5' GDP V . -10.56 -23.00 15.77
C5' GDP V . -9.96 -21.70 15.92
C4' GDP V . -11.00 -20.63 15.65
O4' GDP V . -11.10 -20.56 14.24
C3' GDP V . -12.41 -20.95 16.15
O3' GDP V . -13.11 -19.75 16.43
C2' GDP V . -13.10 -21.62 14.98
O2' GDP V . -14.51 -21.36 14.91
C1' GDP V . -12.44 -20.88 13.85
N9 GDP V . -12.39 -21.64 12.60
C8 GDP V . -12.19 -22.95 12.44
N7 GDP V . -12.16 -23.28 11.11
C5 GDP V . -12.37 -22.13 10.45
C6 GDP V . -12.48 -21.74 9.04
O6 GDP V . -12.36 -22.62 8.16
N1 GDP V . -12.70 -20.44 8.76
C2 GDP V . -12.83 -19.49 9.70
N2 GDP V . -13.02 -18.22 9.36
N3 GDP V . -12.74 -19.78 11.01
C4 GDP V . -12.53 -21.05 11.43
CA CA W . -8.51 -24.42 9.66
CA CA X . -8.26 -28.07 13.58
CA CA Y . 3.09 -23.63 19.08
CA CA Z . 0.42 -26.51 16.33
CA CA AA . -11.92 -26.61 14.43
S SO4 BA . -10.23 -26.94 8.75
O1 SO4 BA . -9.24 -28.06 8.88
O2 SO4 BA . -11.21 -27.27 7.70
O3 SO4 BA . -10.90 -26.70 10.07
O4 SO4 BA . -9.49 -25.71 8.44
S SO4 CA . -5.71 -25.73 9.95
O1 SO4 CA . -6.41 -26.97 10.27
O2 SO4 CA . -4.78 -26.00 8.83
O3 SO4 CA . -6.69 -24.67 9.62
O4 SO4 CA . -4.86 -25.36 11.08
MG MG DA . 3.89 -3.87 27.33
MG MG EA . 0.78 -29.45 19.64
CA CA FA . -7.40 -28.39 9.27
#